data_3AUR
#
_entry.id   3AUR
#
_cell.length_a   44.279
_cell.length_b   51.440
_cell.length_c   131.985
_cell.angle_alpha   90.00
_cell.angle_beta   90.00
_cell.angle_gamma   90.00
#
_symmetry.space_group_name_H-M   'P 21 21 21'
#
loop_
_entity.id
_entity.type
_entity.pdbx_description
1 polymer 'Vitamin D3 receptor'
2 non-polymer (1R,2S,3R)-5-[2-[(1R,3aS,7aR)-1-[(2R)-6-hydroxy-6-methyl-heptan-2-yl]-7a-methyl-1,2,3,3a,6,7-hexahydroinden-4-yl]ethynyl]-2-methyl-cyclohex-4-ene-1,3-diol
3 water water
#
_entity_poly.entity_id   1
_entity_poly.type   'polypeptide(L)'
_entity_poly.pdbx_seq_one_letter_code
;GSHMDSLRPKLSEEQQRIIAILLDAHHKTYDPTYSDFCQFRPPVRVNDGGGSVTLELSQLSMLPHLADLVSYSIQKVIGF
AKMIPGFRDLTSEDQIVLLKSSAIEVIMLRSNESFTMDDMSWTCGNQDYKYRVSDVTKAGHSLELIEPLIKFQVGLKKLN
LHEEEHVLLMAICIVSPDRPGVQDAALIEAIQDRLSNTLQTYIRCRHPPPGSHLLYAKMIQKLADLRSLNEEHSKQYRCL
SFQPECSMKLTPLVLEVFGNEIS
;
_entity_poly.pdbx_strand_id   A
#
# COMPACT_ATOMS: atom_id res chain seq x y z
N ASP A 5 34.82 5.44 4.87
CA ASP A 5 34.61 6.68 5.68
C ASP A 5 33.27 6.60 6.44
N SER A 6 32.16 6.46 5.71
CA SER A 6 30.80 6.64 6.27
C SER A 6 30.57 5.86 7.60
N LEU A 7 30.07 6.59 8.61
CA LEU A 7 29.78 6.03 9.93
C LEU A 7 28.65 5.00 9.88
N ARG A 8 28.74 3.99 10.74
CA ARG A 8 27.73 2.94 10.87
C ARG A 8 27.14 2.89 12.28
N PRO A 9 26.41 3.95 12.66
CA PRO A 9 25.90 3.97 14.04
C PRO A 9 25.06 2.75 14.25
N LYS A 10 25.11 2.22 15.47
CA LYS A 10 24.33 1.06 15.86
C LYS A 10 22.91 1.54 16.10
N LEU A 11 21.94 0.63 15.94
CA LEU A 11 20.55 0.86 16.23
C LEU A 11 20.48 1.04 17.72
N SER A 12 19.75 2.05 18.17
CA SER A 12 19.56 2.27 19.57
C SER A 12 18.53 1.28 20.12
N GLU A 13 18.49 1.14 21.44
CA GLU A 13 17.48 0.29 22.03
C GLU A 13 16.08 0.71 21.57
N GLU A 14 15.86 2.02 21.43
CA GLU A 14 14.56 2.56 21.00
C GLU A 14 14.21 2.26 19.50
N GLN A 15 15.21 2.35 18.63
CA GLN A 15 15.05 1.96 17.25
C GLN A 15 14.82 0.46 17.10
N GLN A 16 15.52 -0.37 17.88
CA GLN A 16 15.25 -1.80 17.94
C GLN A 16 13.79 -2.05 18.37
N ARG A 17 13.32 -1.34 19.37
CA ARG A 17 11.94 -1.43 19.80
C ARG A 17 10.98 -1.05 18.70
N ILE A 18 11.25 0.06 18.01
CA ILE A 18 10.37 0.54 16.93
C ILE A 18 10.20 -0.52 15.85
N ILE A 19 11.31 -1.15 15.46
CA ILE A 19 11.31 -2.24 14.48
C ILE A 19 10.48 -3.45 14.94
N ALA A 20 10.66 -3.85 16.22
CA ALA A 20 9.89 -4.95 16.83
C ALA A 20 8.38 -4.69 16.85
N ILE A 21 8.02 -3.48 17.26
CA ILE A 21 6.65 -3.03 17.28
C ILE A 21 5.99 -3.07 15.88
N LEU A 22 6.74 -2.63 14.86
CA LEU A 22 6.20 -2.52 13.52
C LEU A 22 6.09 -3.87 12.87
N LEU A 23 7.07 -4.73 13.05
CA LEU A 23 7.01 -6.10 12.59
C LEU A 23 5.83 -6.80 13.24
N ASP A 24 5.65 -6.56 14.54
CA ASP A 24 4.49 -7.10 15.26
C ASP A 24 3.19 -6.55 14.73
N ALA A 25 3.11 -5.23 14.54
CA ALA A 25 1.95 -4.65 13.94
C ALA A 25 1.62 -5.32 12.56
N HIS A 26 2.62 -5.51 11.71
CA HIS A 26 2.40 -6.10 10.40
C HIS A 26 1.83 -7.54 10.46
N HIS A 27 2.42 -8.38 11.33
CA HIS A 27 2.08 -9.79 11.51
C HIS A 27 0.65 -9.98 12.04
N LYS A 28 0.20 -8.98 12.79
CA LYS A 28 -1.20 -8.87 13.25
C LYS A 28 -2.19 -8.42 12.20
N THR A 29 -1.70 -7.82 11.12
CA THR A 29 -2.66 -7.18 10.18
C THR A 29 -2.47 -7.72 8.78
N TYR A 30 -1.48 -8.56 8.61
CA TYR A 30 -1.24 -9.05 7.29
C TYR A 30 -1.24 -10.57 7.35
N ASP A 31 -2.37 -11.20 6.99
CA ASP A 31 -2.50 -12.66 6.87
C ASP A 31 -1.83 -13.16 5.56
N PRO A 32 -0.64 -13.80 5.66
CA PRO A 32 0.10 -14.23 4.48
C PRO A 32 -0.54 -15.49 3.86
N THR A 33 -1.68 -15.95 4.42
CA THR A 33 -2.36 -17.13 3.82
C THR A 33 -3.63 -16.71 3.08
N TYR A 34 -4.01 -15.42 3.19
CA TYR A 34 -5.19 -14.91 2.44
C TYR A 34 -6.49 -15.72 2.71
N SER A 35 -6.66 -16.17 3.96
CA SER A 35 -7.70 -17.10 4.36
C SER A 35 -9.05 -16.45 4.54
N ASP A 36 -9.05 -15.13 4.59
CA ASP A 36 -10.29 -14.36 4.62
C ASP A 36 -10.97 -14.14 3.25
N PHE A 37 -10.26 -14.38 2.18
CA PHE A 37 -10.68 -13.98 0.83
C PHE A 37 -11.96 -14.70 0.35
N CYS A 38 -12.18 -15.92 0.90
CA CYS A 38 -13.39 -16.68 0.57
C CYS A 38 -14.63 -15.98 1.18
N GLN A 39 -14.42 -15.01 2.08
CA GLN A 39 -15.51 -14.19 2.60
C GLN A 39 -15.93 -13.00 1.68
N PHE A 40 -15.08 -12.61 0.71
CA PHE A 40 -15.41 -11.49 -0.19
C PHE A 40 -16.47 -11.95 -1.23
N ARG A 41 -17.20 -11.01 -1.83
CA ARG A 41 -18.06 -11.38 -2.94
C ARG A 41 -17.21 -12.05 -4.03
N PRO A 42 -17.76 -13.09 -4.68
CA PRO A 42 -16.87 -13.87 -5.53
C PRO A 42 -16.23 -13.13 -6.68
N PRO A 43 -15.06 -13.61 -7.14
CA PRO A 43 -14.51 -13.06 -8.39
C PRO A 43 -15.39 -13.55 -9.54
N VAL A 44 -15.65 -12.69 -10.53
CA VAL A 44 -16.30 -13.09 -11.78
C VAL A 44 -15.39 -12.61 -12.94
N ARG A 45 -15.01 -13.54 -13.80
CA ARG A 45 -14.17 -13.21 -14.95
C ARG A 45 -14.93 -13.53 -16.25
N VAL A 46 -15.69 -12.53 -16.75
CA VAL A 46 -16.29 -12.60 -18.11
C VAL A 46 -15.18 -12.61 -19.20
N ASN A 47 -15.56 -12.63 -20.47
CA ASN A 47 -14.50 -12.55 -21.47
C ASN A 47 -14.50 -11.18 -22.08
N ASP A 48 -13.38 -10.47 -21.95
CA ASP A 48 -13.27 -9.12 -22.55
C ASP A 48 -12.23 -9.02 -23.69
N GLY A 49 -11.17 -9.82 -23.60
CA GLY A 49 -10.04 -9.79 -24.54
C GLY A 49 -10.12 -8.71 -25.62
N SER A 52 -12.13 -4.50 -23.71
CA SER A 52 -13.14 -3.55 -24.25
C SER A 52 -13.65 -2.68 -23.14
N VAL A 53 -13.46 -1.36 -23.25
CA VAL A 53 -13.83 -0.47 -22.13
C VAL A 53 -15.33 -0.47 -21.90
N THR A 54 -16.09 -0.44 -23.00
CA THR A 54 -17.54 -0.54 -22.95
C THR A 54 -18.01 -1.78 -22.20
N LEU A 55 -17.47 -2.95 -22.54
CA LEU A 55 -17.88 -4.20 -21.92
C LEU A 55 -17.48 -4.14 -20.47
N GLU A 56 -16.25 -3.71 -20.20
CA GLU A 56 -15.81 -3.80 -18.82
C GLU A 56 -16.54 -2.82 -17.93
N LEU A 57 -16.93 -1.64 -18.45
CA LEU A 57 -17.80 -0.74 -17.68
C LEU A 57 -19.25 -1.29 -17.58
N SER A 58 -19.75 -1.97 -18.61
CA SER A 58 -21.10 -2.46 -18.51
C SER A 58 -21.25 -3.55 -17.45
N GLN A 59 -20.20 -4.37 -17.30
CA GLN A 59 -20.20 -5.53 -16.38
C GLN A 59 -19.60 -5.27 -15.00
N LEU A 60 -18.42 -4.61 -14.97
CA LEU A 60 -17.61 -4.42 -13.75
C LEU A 60 -17.47 -5.75 -12.95
N SER A 61 -17.20 -6.85 -13.63
CA SER A 61 -17.43 -8.18 -13.04
C SER A 61 -16.43 -8.53 -11.91
N MET A 62 -15.20 -8.00 -12.02
CA MET A 62 -14.24 -8.11 -10.92
C MET A 62 -14.30 -7.02 -9.84
N LEU A 63 -15.17 -6.04 -10.01
CA LEU A 63 -15.23 -4.94 -9.04
C LEU A 63 -15.74 -5.31 -7.63
N PRO A 64 -16.86 -6.07 -7.54
CA PRO A 64 -17.32 -6.42 -6.17
C PRO A 64 -16.21 -7.13 -5.35
N HIS A 65 -15.51 -8.05 -6.01
CA HIS A 65 -14.43 -8.83 -5.37
C HIS A 65 -13.21 -7.97 -5.02
N LEU A 66 -12.76 -7.13 -5.94
CA LEU A 66 -11.57 -6.34 -5.68
C LEU A 66 -11.84 -5.19 -4.74
N ALA A 67 -13.04 -4.62 -4.79
CA ALA A 67 -13.46 -3.58 -3.82
C ALA A 67 -13.57 -4.17 -2.40
N ASP A 68 -14.05 -5.44 -2.29
CA ASP A 68 -14.03 -6.10 -0.95
C ASP A 68 -12.61 -6.32 -0.49
N LEU A 69 -11.76 -6.77 -1.42
CA LEU A 69 -10.33 -6.91 -1.13
C LEU A 69 -9.64 -5.62 -0.66
N VAL A 70 -9.86 -4.52 -1.36
CA VAL A 70 -9.29 -3.20 -1.01
C VAL A 70 -9.91 -2.64 0.28
N SER A 71 -11.21 -2.83 0.45
CA SER A 71 -11.88 -2.47 1.71
C SER A 71 -11.29 -3.20 2.91
N TYR A 72 -11.18 -4.53 2.79
CA TYR A 72 -10.53 -5.34 3.79
C TYR A 72 -9.15 -4.80 4.07
N SER A 73 -8.40 -4.50 2.99
CA SER A 73 -7.03 -3.98 3.10
C SER A 73 -6.97 -2.64 3.80
N ILE A 74 -7.90 -1.75 3.51
CA ILE A 74 -7.97 -0.46 4.23
C ILE A 74 -8.15 -0.67 5.73
N GLN A 75 -9.01 -1.60 6.10
CA GLN A 75 -9.21 -1.89 7.54
C GLN A 75 -7.92 -2.38 8.20
N LYS A 76 -7.17 -3.25 7.52
CA LYS A 76 -5.86 -3.71 8.03
C LYS A 76 -4.81 -2.58 8.17
N VAL A 77 -4.82 -1.65 7.22
CA VAL A 77 -3.95 -0.48 7.28
C VAL A 77 -4.31 0.47 8.44
N ILE A 78 -5.60 0.71 8.64
CA ILE A 78 -6.03 1.49 9.81
C ILE A 78 -5.50 0.87 11.10
N GLY A 79 -5.75 -0.43 11.24
CA GLY A 79 -5.15 -1.29 12.26
C GLY A 79 -3.61 -1.20 12.33
N PHE A 80 -2.92 -1.31 11.17
CA PHE A 80 -1.44 -1.20 11.23
C PHE A 80 -1.04 0.21 11.73
N ALA A 81 -1.67 1.25 11.19
CA ALA A 81 -1.33 2.67 11.52
C ALA A 81 -1.45 3.01 13.02
N LYS A 82 -2.46 2.41 13.65
CA LYS A 82 -2.68 2.58 15.09
C LYS A 82 -1.50 2.14 15.94
N MET A 83 -0.71 1.19 15.45
CA MET A 83 0.43 0.67 16.22
C MET A 83 1.77 1.31 15.85
N ILE A 84 1.78 2.26 14.91
CA ILE A 84 3.00 3.00 14.60
C ILE A 84 3.35 3.91 15.79
N PRO A 85 4.55 3.71 16.40
CA PRO A 85 5.01 4.63 17.49
C PRO A 85 4.88 6.10 17.07
N GLY A 86 4.05 6.84 17.79
CA GLY A 86 3.83 8.24 17.56
C GLY A 86 2.43 8.55 17.05
N PHE A 87 1.86 7.66 16.23
CA PHE A 87 0.66 7.98 15.45
C PHE A 87 -0.53 8.33 16.35
N ARG A 88 -0.63 7.63 17.47
CA ARG A 88 -1.67 7.92 18.48
C ARG A 88 -1.46 9.25 19.25
N ASP A 89 -0.25 9.83 19.24
CA ASP A 89 -0.04 11.21 19.75
C ASP A 89 -0.58 12.30 18.83
N LEU A 90 -0.99 11.95 17.61
CA LEU A 90 -1.60 12.87 16.66
C LEU A 90 -3.03 13.04 17.02
N THR A 91 -3.62 14.18 16.64
CA THR A 91 -5.05 14.41 16.82
C THR A 91 -5.78 13.40 15.95
N SER A 92 -6.98 13.05 16.36
CA SER A 92 -7.74 12.05 15.64
C SER A 92 -7.98 12.58 14.22
N GLU A 93 -8.18 13.88 14.08
CA GLU A 93 -8.38 14.49 12.77
C GLU A 93 -7.18 14.34 11.80
N ASP A 94 -5.96 14.39 12.32
CA ASP A 94 -4.75 14.30 11.48
C ASP A 94 -4.51 12.83 11.18
N GLN A 95 -4.85 11.98 12.14
CA GLN A 95 -4.84 10.54 11.94
C GLN A 95 -5.73 10.15 10.75
N ILE A 96 -6.93 10.69 10.69
CA ILE A 96 -7.85 10.42 9.57
C ILE A 96 -7.38 10.99 8.26
N VAL A 97 -6.86 12.22 8.28
CA VAL A 97 -6.30 12.83 7.07
C VAL A 97 -5.20 11.93 6.53
N LEU A 98 -4.27 11.51 7.37
CA LEU A 98 -3.17 10.72 6.89
C LEU A 98 -3.62 9.34 6.33
N LEU A 99 -4.55 8.69 7.02
CA LEU A 99 -5.07 7.40 6.59
C LEU A 99 -5.74 7.47 5.23
N LYS A 100 -6.65 8.42 5.10
CA LYS A 100 -7.31 8.68 3.85
C LYS A 100 -6.44 9.02 2.69
N SER A 101 -5.45 9.90 2.88
CA SER A 101 -4.60 10.21 1.75
C SER A 101 -3.57 9.11 1.43
N SER A 102 -3.13 8.31 2.40
CA SER A 102 -2.12 7.31 2.07
C SER A 102 -2.70 5.90 1.77
N ALA A 103 -3.95 5.63 2.13
CA ALA A 103 -4.55 4.29 1.99
C ALA A 103 -4.23 3.54 0.68
N ILE A 104 -4.56 4.12 -0.47
CA ILE A 104 -4.29 3.42 -1.72
C ILE A 104 -2.78 3.21 -1.91
N GLU A 105 -1.91 4.15 -1.48
CA GLU A 105 -0.45 3.93 -1.50
C GLU A 105 0.01 2.76 -0.59
N VAL A 106 -0.47 2.73 0.63
CA VAL A 106 -0.11 1.63 1.50
C VAL A 106 -0.61 0.28 0.98
N ILE A 107 -1.80 0.26 0.40
CA ILE A 107 -2.32 -0.99 -0.20
C ILE A 107 -1.43 -1.44 -1.37
N MET A 108 -1.05 -0.49 -2.24
CA MET A 108 -0.09 -0.83 -3.29
C MET A 108 1.23 -1.40 -2.72
N LEU A 109 1.79 -0.73 -1.72
CA LEU A 109 3.02 -1.20 -1.05
C LEU A 109 2.86 -2.59 -0.47
N ARG A 110 1.88 -2.76 0.40
CA ARG A 110 1.67 -4.03 1.12
C ARG A 110 1.28 -5.18 0.19
N SER A 111 0.61 -4.82 -0.90
CA SER A 111 0.28 -5.82 -1.93
C SER A 111 1.52 -6.46 -2.52
N ASN A 112 2.69 -5.82 -2.36
CA ASN A 112 3.95 -6.39 -2.93
C ASN A 112 4.31 -7.79 -2.33
N GLU A 113 3.84 -8.07 -1.12
CA GLU A 113 4.06 -9.37 -0.50
C GLU A 113 3.27 -10.51 -1.25
N SER A 114 2.17 -10.19 -1.95
CA SER A 114 1.46 -11.29 -2.69
C SER A 114 1.87 -11.25 -4.16
N PHE A 115 2.54 -10.18 -4.56
CA PHE A 115 3.01 -10.04 -5.95
C PHE A 115 4.13 -11.01 -6.20
N THR A 116 4.15 -11.54 -7.42
CA THR A 116 5.17 -12.48 -7.79
C THR A 116 5.60 -12.24 -9.22
N MET A 117 6.90 -12.27 -9.41
CA MET A 117 7.50 -12.17 -10.73
C MET A 117 7.47 -13.47 -11.49
N ASP A 118 6.98 -14.54 -10.88
CA ASP A 118 6.72 -15.78 -11.58
C ASP A 118 5.88 -15.53 -12.82
N ASP A 119 4.76 -14.79 -12.68
CA ASP A 119 3.87 -14.54 -13.82
C ASP A 119 3.26 -13.15 -13.73
N MET A 120 3.92 -12.26 -12.98
CA MET A 120 3.48 -10.89 -12.80
C MET A 120 2.02 -10.77 -12.32
N SER A 121 1.70 -11.47 -11.26
CA SER A 121 0.38 -11.40 -10.74
C SER A 121 0.52 -11.21 -9.24
N TRP A 122 -0.54 -10.72 -8.61
CA TRP A 122 -0.74 -10.81 -7.19
C TRP A 122 -1.38 -12.15 -6.98
N THR A 123 -0.63 -13.07 -6.39
CA THR A 123 -1.09 -14.45 -6.14
C THR A 123 -1.47 -14.67 -4.68
N CYS A 124 -2.78 -14.67 -4.45
CA CYS A 124 -3.31 -14.86 -3.12
C CYS A 124 -4.03 -16.21 -2.95
N GLY A 125 -3.81 -17.16 -3.86
CA GLY A 125 -4.56 -18.44 -3.86
C GLY A 125 -3.95 -19.27 -4.98
N ASN A 126 -4.47 -20.47 -5.26
CA ASN A 126 -5.89 -20.77 -5.40
C ASN A 126 -6.37 -19.83 -6.43
N GLN A 127 -5.94 -20.16 -7.66
CA GLN A 127 -6.35 -19.64 -8.95
C GLN A 127 -7.39 -18.56 -9.03
N ASP A 128 -8.52 -18.75 -8.34
CA ASP A 128 -9.57 -17.75 -8.20
C ASP A 128 -9.00 -16.46 -7.59
N TYR A 129 -8.01 -16.59 -6.70
CA TYR A 129 -7.47 -15.43 -6.00
C TYR A 129 -6.11 -15.05 -6.53
N LYS A 130 -5.95 -15.23 -7.84
CA LYS A 130 -4.79 -14.78 -8.60
C LYS A 130 -5.25 -13.60 -9.46
N TYR A 131 -4.60 -12.45 -9.34
CA TYR A 131 -5.07 -11.26 -10.02
C TYR A 131 -4.02 -10.76 -10.99
N ARG A 132 -4.48 -10.56 -12.22
CA ARG A 132 -3.62 -10.25 -13.39
C ARG A 132 -4.10 -8.88 -13.90
N VAL A 133 -3.32 -8.25 -14.76
CA VAL A 133 -3.73 -7.05 -15.47
C VAL A 133 -5.18 -7.17 -15.97
N SER A 134 -5.55 -8.30 -16.59
CA SER A 134 -6.86 -8.44 -17.20
C SER A 134 -7.97 -8.36 -16.11
N ASP A 135 -7.64 -8.77 -14.88
CA ASP A 135 -8.60 -8.63 -13.78
C ASP A 135 -8.82 -7.20 -13.38
N VAL A 136 -7.77 -6.37 -13.46
CA VAL A 136 -7.87 -5.02 -12.96
C VAL A 136 -8.67 -4.22 -13.99
N THR A 137 -8.48 -4.52 -15.27
CA THR A 137 -9.28 -3.89 -16.29
C THR A 137 -10.76 -4.33 -16.18
N LYS A 138 -11.05 -5.57 -15.79
CA LYS A 138 -12.44 -5.98 -15.53
C LYS A 138 -13.03 -5.30 -14.30
N ALA A 139 -12.20 -4.61 -13.50
CA ALA A 139 -12.75 -3.80 -12.42
C ALA A 139 -12.89 -2.36 -12.83
N GLY A 140 -12.72 -2.04 -14.13
CA GLY A 140 -12.99 -0.70 -14.64
C GLY A 140 -11.84 0.29 -14.63
N HIS A 141 -10.62 -0.19 -14.37
CA HIS A 141 -9.41 0.61 -14.46
C HIS A 141 -8.70 0.42 -15.80
N SER A 142 -7.89 1.41 -16.17
CA SER A 142 -7.25 1.43 -17.46
C SER A 142 -5.73 1.24 -17.31
N LEU A 143 -5.08 0.98 -18.45
CA LEU A 143 -3.65 0.67 -18.54
C LEU A 143 -2.74 1.83 -18.04
N GLU A 144 -3.26 3.06 -18.09
CA GLU A 144 -2.56 4.20 -17.55
C GLU A 144 -2.28 4.09 -16.05
N LEU A 145 -3.07 3.32 -15.36
CA LEU A 145 -2.78 3.00 -13.96
C LEU A 145 -2.08 1.64 -13.81
N ILE A 146 -2.68 0.62 -14.44
CA ILE A 146 -2.23 -0.76 -14.26
C ILE A 146 -0.78 -1.05 -14.65
N GLU A 147 -0.34 -0.58 -15.84
CA GLU A 147 1.02 -0.81 -16.31
C GLU A 147 2.12 -0.14 -15.43
N PRO A 148 1.98 1.15 -15.05
CA PRO A 148 2.93 1.68 -14.07
C PRO A 148 2.84 1.03 -12.69
N LEU A 149 1.63 0.59 -12.30
CA LEU A 149 1.48 -0.17 -11.06
C LEU A 149 2.33 -1.45 -11.09
N ILE A 150 2.27 -2.18 -12.21
CA ILE A 150 3.03 -3.46 -12.33
C ILE A 150 4.54 -3.17 -12.36
N LYS A 151 4.93 -2.07 -12.96
CA LYS A 151 6.32 -1.60 -12.98
C LYS A 151 6.83 -1.30 -11.60
N PHE A 152 6.00 -0.63 -10.82
CA PHE A 152 6.30 -0.28 -9.44
C PHE A 152 6.45 -1.58 -8.60
N GLN A 153 5.55 -2.57 -8.82
CA GLN A 153 5.59 -3.85 -8.11
C GLN A 153 6.90 -4.58 -8.39
N VAL A 154 7.25 -4.72 -9.67
CA VAL A 154 8.54 -5.29 -10.07
C VAL A 154 9.74 -4.50 -9.47
N GLY A 155 9.73 -3.18 -9.63
CA GLY A 155 10.81 -2.32 -9.10
C GLY A 155 11.01 -2.60 -7.63
N LEU A 156 9.88 -2.70 -6.92
CA LEU A 156 9.88 -2.94 -5.48
C LEU A 156 10.37 -4.31 -5.12
N LYS A 157 9.90 -5.33 -5.85
CA LYS A 157 10.40 -6.68 -5.62
C LYS A 157 11.94 -6.73 -5.75
N LYS A 158 12.48 -6.05 -6.76
CA LYS A 158 13.89 -6.16 -7.09
C LYS A 158 14.79 -5.43 -6.06
N LEU A 159 14.22 -4.60 -5.18
CA LEU A 159 14.97 -4.04 -4.03
C LEU A 159 15.25 -5.11 -2.94
N ASN A 160 14.47 -6.20 -2.93
CA ASN A 160 14.70 -7.33 -2.01
C ASN A 160 14.72 -6.85 -0.58
N LEU A 161 13.70 -6.09 -0.19
CA LEU A 161 13.66 -5.43 1.12
C LEU A 161 13.60 -6.50 2.19
N HIS A 162 14.25 -6.20 3.32
CA HIS A 162 14.08 -6.97 4.52
C HIS A 162 12.66 -6.60 4.95
N GLU A 163 12.03 -7.50 5.68
CA GLU A 163 10.75 -7.17 6.26
C GLU A 163 10.79 -5.93 7.15
N GLU A 164 11.92 -5.76 7.85
CA GLU A 164 12.15 -4.56 8.66
C GLU A 164 12.02 -3.29 7.80
N GLU A 165 12.69 -3.28 6.67
CA GLU A 165 12.59 -2.21 5.65
C GLU A 165 11.19 -1.98 5.08
N HIS A 166 10.49 -3.10 4.77
CA HIS A 166 9.17 -3.06 4.22
C HIS A 166 8.19 -2.44 5.22
N VAL A 167 8.17 -2.89 6.47
CA VAL A 167 7.24 -2.27 7.44
C VAL A 167 7.63 -0.80 7.78
N LEU A 168 8.93 -0.49 7.74
CA LEU A 168 9.29 0.91 8.06
C LEU A 168 8.83 1.80 6.92
N LEU A 169 8.96 1.28 5.67
CA LEU A 169 8.58 2.05 4.49
C LEU A 169 7.07 2.30 4.45
N MET A 170 6.25 1.30 4.82
CA MET A 170 4.83 1.55 5.01
C MET A 170 4.51 2.61 6.10
N ALA A 171 5.20 2.52 7.25
CA ALA A 171 4.98 3.51 8.30
C ALA A 171 5.36 4.92 7.84
N ILE A 172 6.45 5.05 7.10
CA ILE A 172 6.91 6.38 6.63
C ILE A 172 5.91 6.98 5.62
N CYS A 173 5.33 6.10 4.78
CA CYS A 173 4.38 6.48 3.77
C CYS A 173 3.17 7.08 4.42
N ILE A 174 2.68 6.42 5.46
CA ILE A 174 1.50 6.84 6.19
C ILE A 174 1.76 8.16 6.97
N VAL A 175 2.87 8.25 7.67
CA VAL A 175 3.14 9.48 8.49
C VAL A 175 3.90 10.52 7.65
N SER A 176 3.24 11.17 6.72
CA SER A 176 3.91 12.09 5.76
C SER A 176 3.40 13.45 6.12
N PRO A 177 4.31 14.36 6.48
CA PRO A 177 3.88 15.70 6.87
C PRO A 177 3.29 16.53 5.72
N ASP A 178 3.58 16.17 4.47
CA ASP A 178 3.12 16.94 3.31
C ASP A 178 1.79 16.51 2.69
N ARG A 179 0.96 15.74 3.40
CA ARG A 179 -0.37 15.44 2.86
C ARG A 179 -1.28 16.67 2.95
N PRO A 180 -2.07 16.93 1.88
CA PRO A 180 -2.98 18.08 1.92
C PRO A 180 -3.92 17.97 3.10
N GLY A 181 -4.06 19.06 3.87
CA GLY A 181 -5.06 19.13 4.94
C GLY A 181 -4.61 18.77 6.34
N VAL A 182 -3.34 18.43 6.53
CA VAL A 182 -2.80 18.20 7.87
C VAL A 182 -2.75 19.52 8.66
N GLN A 183 -2.95 19.47 9.97
CA GLN A 183 -2.77 20.62 10.80
C GLN A 183 -1.40 20.57 11.48
N ASP A 184 -1.11 19.50 12.21
CA ASP A 184 0.21 19.49 12.86
C ASP A 184 1.36 18.87 12.05
N ALA A 185 1.74 19.54 11.00
CA ALA A 185 2.85 19.12 10.14
C ALA A 185 4.15 18.81 10.89
N ALA A 186 4.48 19.64 11.91
CA ALA A 186 5.76 19.45 12.66
C ALA A 186 5.75 18.17 13.44
N LEU A 187 4.66 17.91 14.12
CA LEU A 187 4.53 16.65 14.88
C LEU A 187 4.63 15.44 13.93
N ILE A 188 3.91 15.47 12.83
CA ILE A 188 3.97 14.39 11.84
C ILE A 188 5.39 14.22 11.32
N GLU A 189 6.08 15.35 11.13
CA GLU A 189 7.40 15.29 10.53
C GLU A 189 8.33 14.72 11.57
N ALA A 190 8.05 15.02 12.85
CA ALA A 190 8.80 14.49 13.97
C ALA A 190 8.64 12.96 14.07
N ILE A 191 7.42 12.47 13.93
CA ILE A 191 7.17 11.02 13.93
C ILE A 191 7.85 10.38 12.71
N GLN A 192 7.72 10.98 11.56
CA GLN A 192 8.33 10.41 10.35
C GLN A 192 9.85 10.36 10.45
N ASP A 193 10.43 11.46 10.97
CA ASP A 193 11.89 11.57 11.11
C ASP A 193 12.44 10.47 12.00
N ARG A 194 11.75 10.20 13.10
CA ARG A 194 12.11 8.99 13.93
C ARG A 194 12.12 7.63 13.13
N LEU A 195 11.13 7.45 12.27
CA LEU A 195 11.02 6.23 11.43
C LEU A 195 12.11 6.26 10.34
N SER A 196 12.37 7.42 9.74
CA SER A 196 13.38 7.47 8.64
C SER A 196 14.79 7.23 9.14
N ASN A 197 15.08 7.78 10.32
CA ASN A 197 16.38 7.57 10.96
C ASN A 197 16.56 6.11 11.31
N THR A 198 15.49 5.48 11.80
CA THR A 198 15.56 4.02 12.07
C THR A 198 15.84 3.24 10.79
N LEU A 199 15.17 3.63 9.70
CA LEU A 199 15.36 3.01 8.42
C LEU A 199 16.78 3.17 7.88
N GLN A 200 17.25 4.42 7.81
CA GLN A 200 18.65 4.73 7.42
C GLN A 200 19.68 3.96 8.21
N THR A 201 19.60 4.00 9.54
CA THR A 201 20.49 3.23 10.44
C THR A 201 20.40 1.74 10.11
N TYR A 202 19.17 1.18 10.14
CA TYR A 202 18.96 -0.25 9.76
C TYR A 202 19.75 -0.62 8.49
N ILE A 203 19.54 0.13 7.41
CA ILE A 203 20.16 -0.17 6.12
C ILE A 203 21.70 -0.27 6.24
N ARG A 204 22.31 0.71 6.90
CA ARG A 204 23.78 0.75 7.03
C ARG A 204 24.39 -0.32 7.98
N CYS A 205 23.67 -0.72 9.04
CA CYS A 205 24.10 -1.81 9.93
C CYS A 205 23.85 -3.16 9.38
N ARG A 206 22.63 -3.33 8.88
CA ARG A 206 22.02 -4.65 8.75
C ARG A 206 21.90 -5.12 7.35
N HIS A 207 22.08 -4.22 6.39
CA HIS A 207 21.77 -4.60 5.02
C HIS A 207 23.07 -4.85 4.29
N PRO A 208 23.34 -6.13 3.98
CA PRO A 208 24.59 -6.60 3.34
C PRO A 208 24.71 -6.08 1.91
N PRO A 209 25.94 -5.90 1.36
CA PRO A 209 27.36 -5.70 1.72
C PRO A 209 27.83 -4.92 2.98
N PRO A 210 27.28 -3.71 3.27
CA PRO A 210 26.28 -2.83 2.70
C PRO A 210 26.84 -1.73 1.77
N GLY A 211 26.99 -2.06 0.49
CA GLY A 211 27.33 -1.08 -0.54
C GLY A 211 26.13 -0.19 -0.85
N SER A 212 24.94 -0.78 -0.69
CA SER A 212 23.67 -0.16 -1.11
C SER A 212 22.95 0.57 0.00
N HIS A 213 23.68 1.30 0.86
CA HIS A 213 23.13 2.39 1.69
C HIS A 213 22.18 3.24 0.81
N LEU A 214 22.64 3.36 -0.48
CA LEU A 214 21.91 3.72 -1.74
C LEU A 214 20.50 3.18 -1.84
N LEU A 215 20.25 2.12 -1.09
CA LEU A 215 18.93 1.57 -0.93
C LEU A 215 17.99 2.66 -0.38
N TYR A 216 18.43 3.44 0.61
CA TYR A 216 17.59 4.47 1.12
C TYR A 216 16.98 5.45 0.09
N ALA A 217 17.81 6.01 -0.81
CA ALA A 217 17.30 6.90 -1.86
C ALA A 217 16.33 6.16 -2.80
N LYS A 218 16.63 4.90 -3.11
CA LYS A 218 15.74 4.13 -3.96
C LYS A 218 14.34 3.93 -3.37
N MET A 219 14.28 3.72 -2.06
CA MET A 219 13.04 3.55 -1.31
C MET A 219 12.26 4.85 -1.27
N ILE A 220 12.96 5.96 -1.06
CA ILE A 220 12.38 7.28 -1.11
C ILE A 220 11.79 7.55 -2.49
N GLN A 221 12.49 7.13 -3.53
CA GLN A 221 11.98 7.25 -4.91
C GLN A 221 10.64 6.46 -5.10
N LYS A 222 10.53 5.30 -4.46
CA LYS A 222 9.27 4.51 -4.46
C LYS A 222 8.13 5.29 -3.87
N LEU A 223 8.44 6.08 -2.85
CA LEU A 223 7.45 6.92 -2.21
C LEU A 223 6.94 7.95 -3.20
N ALA A 224 7.88 8.56 -3.92
CA ALA A 224 7.51 9.46 -4.99
C ALA A 224 6.71 8.69 -6.09
N ASP A 225 7.15 7.51 -6.54
CA ASP A 225 6.33 6.76 -7.51
C ASP A 225 4.89 6.57 -6.98
N LEU A 226 4.76 6.35 -5.66
CA LEU A 226 3.47 6.02 -5.06
C LEU A 226 2.52 7.19 -5.16
N ARG A 227 3.07 8.42 -5.01
CA ARG A 227 2.32 9.67 -5.21
C ARG A 227 1.76 9.81 -6.58
N SER A 228 2.52 9.52 -7.65
CA SER A 228 1.95 9.55 -9.03
C SER A 228 0.88 8.49 -9.27
N LEU A 229 1.04 7.30 -8.71
CA LEU A 229 0.05 6.22 -8.80
C LEU A 229 -1.20 6.63 -8.07
N ASN A 230 -1.02 7.29 -6.95
CA ASN A 230 -2.15 7.79 -6.18
C ASN A 230 -2.94 8.85 -6.99
N GLU A 231 -2.26 9.82 -7.60
CA GLU A 231 -2.96 10.77 -8.48
C GLU A 231 -3.71 10.06 -9.64
N GLU A 232 -3.08 9.12 -10.30
CA GLU A 232 -3.74 8.41 -11.36
C GLU A 232 -4.95 7.59 -10.88
N HIS A 233 -4.83 6.88 -9.75
CA HIS A 233 -5.94 6.10 -9.26
C HIS A 233 -7.15 6.98 -8.99
N SER A 234 -6.89 8.14 -8.40
CA SER A 234 -7.89 9.08 -8.04
C SER A 234 -8.67 9.53 -9.25
N LYS A 235 -7.95 9.85 -10.34
CA LYS A 235 -8.56 10.22 -11.62
C LYS A 235 -9.45 9.12 -12.14
N GLN A 236 -8.99 7.89 -12.04
CA GLN A 236 -9.74 6.81 -12.62
C GLN A 236 -10.91 6.33 -11.71
N TYR A 237 -10.72 6.39 -10.41
CA TYR A 237 -11.79 6.11 -9.49
C TYR A 237 -12.95 7.08 -9.72
N ARG A 238 -12.62 8.37 -9.88
CA ARG A 238 -13.60 9.43 -10.25
C ARG A 238 -14.49 9.03 -11.44
N CYS A 239 -13.87 8.54 -12.51
CA CYS A 239 -14.59 8.15 -13.73
C CYS A 239 -15.36 6.85 -13.55
N LEU A 240 -14.74 5.91 -12.84
CA LEU A 240 -15.40 4.70 -12.44
C LEU A 240 -16.67 5.01 -11.63
N SER A 241 -16.61 6.01 -10.76
CA SER A 241 -17.77 6.40 -9.94
C SER A 241 -18.96 7.01 -10.76
N PHE A 242 -18.69 7.46 -11.98
CA PHE A 242 -19.76 7.91 -12.89
C PHE A 242 -20.61 6.74 -13.44
N GLN A 243 -20.17 5.49 -13.29
CA GLN A 243 -20.90 4.34 -13.89
C GLN A 243 -22.14 4.10 -13.03
N PRO A 244 -23.35 4.17 -13.62
CA PRO A 244 -24.56 3.98 -12.79
C PRO A 244 -24.56 2.68 -11.99
N GLU A 245 -25.05 2.79 -10.74
CA GLU A 245 -25.08 1.72 -9.73
C GLU A 245 -23.69 1.19 -9.37
N CYS A 246 -22.63 1.95 -9.67
CA CYS A 246 -21.27 1.55 -9.22
C CYS A 246 -21.16 1.38 -7.69
N SER A 247 -21.86 2.22 -6.93
CA SER A 247 -21.65 2.27 -5.50
C SER A 247 -22.02 0.96 -4.82
N MET A 248 -23.04 0.26 -5.34
CA MET A 248 -23.43 -1.07 -4.91
C MET A 248 -22.21 -2.02 -4.98
N LYS A 249 -21.35 -1.82 -5.97
CA LYS A 249 -20.19 -2.72 -6.19
C LYS A 249 -18.98 -2.38 -5.29
N LEU A 250 -19.06 -1.25 -4.55
CA LEU A 250 -18.00 -0.79 -3.66
C LEU A 250 -18.43 -1.12 -2.22
N THR A 251 -17.87 -0.45 -1.22
CA THR A 251 -18.24 -0.65 0.19
C THR A 251 -18.29 0.78 0.76
N PRO A 252 -19.11 1.03 1.79
CA PRO A 252 -19.11 2.32 2.47
C PRO A 252 -17.72 2.88 2.74
N LEU A 253 -16.80 2.03 3.20
CA LEU A 253 -15.43 2.43 3.53
C LEU A 253 -14.65 2.90 2.27
N VAL A 254 -14.76 2.14 1.20
CA VAL A 254 -14.17 2.55 -0.05
C VAL A 254 -14.77 3.90 -0.59
N LEU A 255 -16.11 4.03 -0.58
CA LEU A 255 -16.74 5.33 -0.93
C LEU A 255 -16.22 6.52 -0.10
N GLU A 256 -16.05 6.33 1.19
CA GLU A 256 -15.62 7.41 2.09
C GLU A 256 -14.17 7.76 1.78
N VAL A 257 -13.32 6.73 1.75
CA VAL A 257 -11.91 6.93 1.55
C VAL A 257 -11.57 7.58 0.17
N PHE A 258 -12.19 7.10 -0.90
CA PHE A 258 -11.88 7.64 -2.22
C PHE A 258 -12.89 8.64 -2.79
N GLY A 259 -14.05 8.82 -2.15
CA GLY A 259 -15.10 9.70 -2.73
C GLY A 259 -14.79 11.20 -2.84
#